data_3IW1
#
_entry.id   3IW1
#
_cell.length_a   59.826
_cell.length_b   85.741
_cell.length_c   89.489
_cell.angle_alpha   90.00
_cell.angle_beta   90.00
_cell.angle_gamma   90.00
#
_symmetry.space_group_name_H-M   'P 21 21 21'
#
loop_
_entity.id
_entity.type
_entity.pdbx_description
1 polymer 'Cytochrome P450 CYP125'
2 non-polymer 4-ANDROSTENE-3-17-DIONE
3 non-polymer 'PROTOPORPHYRIN IX CONTAINING FE'
4 water water
#
_entity_poly.entity_id   1
_entity_poly.type   'polypeptide(L)'
_entity_poly.pdbx_seq_one_letter_code
;MSWNHQSVEIAVRRTTVPSPNLPPGFDFTDPAIYAERLPVAEFAELRSAAPIWWNGQDPGKGGGFHDGGFWAITKLNDVK
EISRHSDVFSSYENGVIPRFKNDIAREDIEVQRFVMLNMDAPHHTRLRKIISRGFTPRAVGRLHDELQERAQKIAAEAAA
AGSGDFVEQVSCELPLQAIAGLLGVPQEDRGKLFHWSNEMTGNEDPEYAHIDPKASSAELIGYAMKMAEEKAKNPADDIV
TQLIQADIDGEKLSDDEFGFFVVMLAVAGNETTRNSITQGMMAFAEHPDQWELYKKVRPETAADEIVRWATPVTAFQRTA
LRDYELSGVQIKKGQRVVMFYRSANFDEEVFQDPFTFNILRNPNPHVGFGGTGAHYCIGANLARMTINLIFNAVADHMPD
LKPISAPERLRSGWLNGIKHWQVDYTGRCPVAH
;
_entity_poly.pdbx_strand_id   A
#
# COMPACT_ATOMS: atom_id res chain seq x y z
N PRO A 20 8.35 22.80 16.22
CA PRO A 20 7.26 22.94 15.25
C PRO A 20 5.94 23.37 15.88
N ASN A 21 5.13 24.09 15.13
CA ASN A 21 3.81 24.49 15.62
C ASN A 21 2.78 23.35 15.47
N LEU A 22 2.73 22.47 16.48
CA LEU A 22 1.83 21.33 16.50
C LEU A 22 1.16 21.25 17.85
N PRO A 23 -0.02 20.62 17.94
CA PRO A 23 -0.59 20.52 19.27
C PRO A 23 0.26 19.63 20.17
N PRO A 24 0.26 19.94 21.49
CA PRO A 24 0.95 19.01 22.39
C PRO A 24 0.33 17.60 22.31
N GLY A 25 1.20 16.60 22.31
CA GLY A 25 0.79 15.20 22.24
C GLY A 25 0.49 14.69 20.82
N PHE A 26 0.70 15.53 19.79
CA PHE A 26 0.29 15.19 18.41
C PHE A 26 1.06 13.96 17.91
N ASP A 27 0.39 13.05 17.24
CA ASP A 27 1.04 11.82 16.79
C ASP A 27 0.67 11.57 15.37
N PHE A 28 1.69 11.61 14.51
CA PHE A 28 1.50 11.35 13.09
C PHE A 28 1.01 9.96 12.68
N THR A 29 1.03 8.97 13.57
CA THR A 29 0.41 7.64 13.33
C THR A 29 -0.99 7.46 13.97
N ASP A 30 -1.53 8.52 14.55
CA ASP A 30 -2.80 8.45 15.27
C ASP A 30 -3.98 8.09 14.31
N PRO A 31 -4.56 6.88 14.45
CA PRO A 31 -5.72 6.57 13.59
C PRO A 31 -6.93 7.51 13.67
N ALA A 32 -7.06 8.23 14.78
CA ALA A 32 -8.14 9.26 14.96
C ALA A 32 -8.06 10.38 13.92
N ILE A 33 -6.84 10.69 13.47
CA ILE A 33 -6.62 11.73 12.47
C ILE A 33 -7.07 11.16 11.14
N TYR A 34 -6.56 9.98 10.78
CA TYR A 34 -6.81 9.39 9.45
C TYR A 34 -8.25 8.97 9.18
N ALA A 35 -9.01 8.71 10.23
CA ALA A 35 -10.44 8.46 10.12
C ALA A 35 -11.15 9.71 9.51
N GLU A 36 -10.57 10.88 9.73
CA GLU A 36 -11.17 12.16 9.34
C GLU A 36 -10.49 12.78 8.14
N ARG A 37 -9.16 12.77 8.08
CA ARG A 37 -8.40 13.55 7.14
C ARG A 37 -6.95 13.06 7.04
N LEU A 38 -6.27 13.51 6.01
CA LEU A 38 -4.77 13.48 5.99
C LEU A 38 -4.22 14.75 6.66
N PRO A 39 -3.24 14.61 7.58
CA PRO A 39 -2.66 15.79 8.25
C PRO A 39 -1.59 16.52 7.42
N VAL A 40 -2.03 17.10 6.32
CA VAL A 40 -1.19 17.68 5.29
C VAL A 40 -0.48 18.94 5.81
N ALA A 41 -1.21 19.80 6.51
CA ALA A 41 -0.67 21.01 7.09
C ALA A 41 0.43 20.67 8.12
N GLU A 42 0.19 19.64 8.91
CA GLU A 42 1.12 19.23 9.96
C GLU A 42 2.41 18.65 9.40
N PHE A 43 2.32 17.80 8.38
CA PHE A 43 3.50 17.32 7.66
C PHE A 43 4.29 18.52 7.06
N ALA A 44 3.58 19.46 6.43
CA ALA A 44 4.19 20.68 5.88
C ALA A 44 4.95 21.47 6.94
N GLU A 45 4.34 21.59 8.11
CA GLU A 45 5.00 22.24 9.26
C GLU A 45 6.32 21.55 9.70
N LEU A 46 6.32 20.21 9.77
CA LEU A 46 7.56 19.46 10.03
C LEU A 46 8.60 19.69 8.93
N ARG A 47 8.22 19.54 7.66
CA ARG A 47 9.19 19.75 6.60
C ARG A 47 9.87 21.13 6.72
N SER A 48 9.12 22.13 7.17
CA SER A 48 9.65 23.51 7.31
C SER A 48 10.48 23.72 8.58
N ALA A 49 9.91 23.33 9.72
CA ALA A 49 10.45 23.68 11.04
C ALA A 49 11.26 22.55 11.70
N ALA A 50 11.01 21.28 11.34
CA ALA A 50 11.68 20.15 12.02
C ALA A 50 11.50 18.92 11.18
N PRO A 51 12.23 18.83 10.04
CA PRO A 51 12.04 17.73 9.06
C PRO A 51 12.33 16.31 9.54
N ILE A 52 13.12 16.20 10.62
CA ILE A 52 13.23 14.96 11.40
C ILE A 52 12.88 15.36 12.84
N TRP A 53 11.82 14.79 13.37
CA TRP A 53 11.26 15.24 14.63
C TRP A 53 10.86 14.05 15.46
N TRP A 54 11.26 14.08 16.73
CA TRP A 54 10.90 13.02 17.64
C TRP A 54 9.41 13.16 17.99
N ASN A 55 8.67 12.16 17.57
CA ASN A 55 7.23 12.03 17.82
C ASN A 55 7.04 11.16 19.05
N GLY A 56 7.03 11.80 20.21
CA GLY A 56 6.73 11.12 21.46
C GLY A 56 5.40 10.42 21.49
N GLN A 57 5.37 9.26 22.12
CA GLN A 57 4.13 8.55 22.42
C GLN A 57 4.04 8.14 23.86
N ASP A 58 2.93 8.48 24.52
CA ASP A 58 2.75 8.10 25.91
C ASP A 58 2.44 6.62 26.02
N PRO A 59 2.65 6.06 27.23
CA PRO A 59 2.34 4.67 27.50
C PRO A 59 0.89 4.31 27.16
N GLY A 60 0.73 3.18 26.47
CA GLY A 60 -0.58 2.71 25.99
C GLY A 60 -1.14 3.40 24.76
N LYS A 61 -0.39 4.35 24.20
CA LYS A 61 -0.81 5.15 23.06
C LYS A 61 0.14 5.03 21.83
N GLY A 62 1.00 4.02 21.82
CA GLY A 62 2.04 3.85 20.81
C GLY A 62 1.71 2.85 19.73
N GLY A 63 0.43 2.48 19.59
CA GLY A 63 0.00 1.59 18.51
C GLY A 63 0.62 0.21 18.53
N GLY A 64 0.94 -0.26 19.74
CA GLY A 64 1.55 -1.58 19.96
C GLY A 64 3.04 -1.57 20.24
N PHE A 65 3.61 -0.38 20.20
CA PHE A 65 5.03 -0.14 20.44
C PHE A 65 5.08 0.61 21.76
N HIS A 66 6.10 0.27 22.56
CA HIS A 66 6.19 0.69 23.94
C HIS A 66 7.59 1.29 24.22
N ASP A 67 8.17 1.91 23.21
CA ASP A 67 9.50 2.44 23.28
C ASP A 67 9.52 3.96 23.45
N GLY A 68 8.34 4.57 23.56
CA GLY A 68 8.25 5.99 23.83
C GLY A 68 8.10 6.89 22.62
N GLY A 69 8.12 6.32 21.42
CA GLY A 69 8.01 7.14 20.22
C GLY A 69 8.92 6.71 19.06
N PHE A 70 9.04 7.60 18.07
CA PHE A 70 9.74 7.33 16.84
C PHE A 70 10.18 8.64 16.24
N TRP A 71 11.19 8.56 15.39
CA TRP A 71 11.56 9.70 14.56
C TRP A 71 10.61 9.81 13.37
N ALA A 72 9.90 10.92 13.25
CA ALA A 72 9.10 11.23 12.05
C ALA A 72 10.02 11.69 10.92
N ILE A 73 9.98 11.00 9.80
CA ILE A 73 10.81 11.34 8.65
C ILE A 73 9.89 11.89 7.55
N THR A 74 10.14 13.13 7.16
CA THR A 74 9.17 13.90 6.36
C THR A 74 9.70 14.28 4.96
N LYS A 75 11.03 14.15 4.76
CA LYS A 75 11.68 14.57 3.54
C LYS A 75 11.99 13.40 2.63
N LEU A 76 11.85 13.64 1.33
CA LEU A 76 12.04 12.62 0.35
C LEU A 76 13.45 12.03 0.38
N ASN A 77 14.45 12.89 0.45
CA ASN A 77 15.80 12.37 0.37
C ASN A 77 16.14 11.54 1.62
N ASP A 78 15.61 11.92 2.78
CA ASP A 78 15.79 11.12 4.02
C ASP A 78 15.12 9.75 3.95
N VAL A 79 13.89 9.71 3.42
CA VAL A 79 13.21 8.44 3.17
C VAL A 79 14.00 7.53 2.22
N LYS A 80 14.52 8.11 1.15
CA LYS A 80 15.34 7.34 0.22
C LYS A 80 16.62 6.83 0.90
N GLU A 81 17.24 7.69 1.71
CA GLU A 81 18.48 7.28 2.43
C GLU A 81 18.23 6.07 3.35
N ILE A 82 17.15 6.11 4.11
CA ILE A 82 16.78 5.04 5.01
C ILE A 82 16.54 3.75 4.22
N SER A 83 15.78 3.88 3.14
CA SER A 83 15.37 2.76 2.31
C SER A 83 16.60 2.05 1.65
N ARG A 84 17.58 2.82 1.22
CA ARG A 84 18.82 2.27 0.67
C ARG A 84 19.73 1.62 1.71
N HIS A 85 19.75 2.17 2.92
CA HIS A 85 20.63 1.65 3.96
C HIS A 85 19.95 0.61 4.84
N SER A 86 19.47 -0.48 4.23
CA SER A 86 18.78 -1.56 4.95
C SER A 86 19.75 -2.37 5.83
N ASP A 87 21.06 -2.27 5.55
CA ASP A 87 22.09 -2.75 6.47
C ASP A 87 22.05 -2.06 7.85
N VAL A 88 21.56 -0.83 7.90
CA VAL A 88 21.41 -0.11 9.18
C VAL A 88 19.90 -0.11 9.63
N PHE A 89 18.98 0.13 8.68
CA PHE A 89 17.55 0.30 9.00
C PHE A 89 16.79 -0.97 8.69
N SER A 90 16.50 -1.68 9.77
CA SER A 90 15.96 -3.03 9.73
C SER A 90 14.44 -3.05 9.58
N SER A 91 13.92 -3.97 8.79
CA SER A 91 12.48 -4.23 8.67
C SER A 91 12.08 -5.34 9.65
N TYR A 92 13.01 -6.19 10.00
CA TYR A 92 12.72 -7.29 10.91
C TYR A 92 12.52 -6.92 12.39
N GLU A 93 13.34 -6.01 12.95
CA GLU A 93 13.40 -5.89 14.41
CA GLU A 93 13.39 -5.87 14.40
C GLU A 93 12.03 -5.55 15.00
N ASN A 94 11.28 -4.72 14.32
CA ASN A 94 9.92 -4.32 14.78
C ASN A 94 8.85 -4.38 13.71
N GLY A 95 9.18 -5.02 12.60
CA GLY A 95 8.32 -5.00 11.42
C GLY A 95 8.26 -3.60 10.81
N VAL A 96 7.49 -3.45 9.74
CA VAL A 96 7.44 -2.16 9.04
C VAL A 96 6.09 -1.42 9.22
N ILE A 97 5.05 -2.10 9.64
CA ILE A 97 3.77 -1.41 9.96
C ILE A 97 3.96 -0.60 11.23
N PRO A 98 3.78 0.74 11.16
CA PRO A 98 4.04 1.55 12.35
C PRO A 98 2.87 1.71 13.37
N ARG A 99 1.73 1.07 13.14
CA ARG A 99 0.55 1.31 13.98
C ARG A 99 -0.40 0.14 13.95
N PHE A 100 -0.63 -0.44 15.13
CA PHE A 100 -1.63 -1.50 15.32
C PHE A 100 -2.56 -1.01 16.39
N LYS A 101 -3.59 -1.77 16.69
CA LYS A 101 -4.45 -1.54 17.85
C LYS A 101 -3.56 -1.41 19.11
N ASN A 102 -3.89 -0.48 20.00
CA ASN A 102 -3.04 -0.13 21.12
C ASN A 102 -2.76 -1.30 22.08
N ASP A 103 -3.70 -2.25 22.11
CA ASP A 103 -3.66 -3.41 22.96
C ASP A 103 -3.08 -4.66 22.31
N ILE A 104 -2.49 -4.55 21.11
CA ILE A 104 -1.95 -5.71 20.43
C ILE A 104 -0.78 -6.34 21.29
N ALA A 105 -0.81 -7.65 21.38
CA ALA A 105 0.28 -8.42 22.01
C ALA A 105 1.53 -8.38 21.13
N ARG A 106 2.70 -8.28 21.76
CA ARG A 106 3.98 -8.22 21.04
C ARG A 106 4.18 -9.41 20.11
N GLU A 107 3.76 -10.59 20.57
CA GLU A 107 3.82 -11.83 19.78
C GLU A 107 3.17 -11.69 18.41
N ASP A 108 2.06 -10.96 18.37
CA ASP A 108 1.24 -10.77 17.18
C ASP A 108 1.90 -9.83 16.18
N ILE A 109 2.79 -8.95 16.67
CA ILE A 109 3.70 -8.18 15.83
C ILE A 109 4.84 -9.06 15.31
N GLU A 110 5.49 -9.79 16.23
CA GLU A 110 6.65 -10.62 15.85
C GLU A 110 6.32 -11.74 14.86
N VAL A 111 5.13 -12.34 14.95
CA VAL A 111 4.74 -13.36 13.98
C VAL A 111 4.74 -12.84 12.52
N GLN A 112 4.61 -11.52 12.35
CA GLN A 112 4.60 -10.90 11.03
C GLN A 112 5.99 -10.98 10.38
N ARG A 113 7.01 -11.42 11.12
CA ARG A 113 8.34 -11.63 10.57
C ARG A 113 8.40 -12.78 9.57
N PHE A 114 7.34 -13.57 9.43
CA PHE A 114 7.28 -14.68 8.46
C PHE A 114 6.86 -14.28 7.04
N VAL A 115 6.58 -12.99 6.83
CA VAL A 115 6.41 -12.45 5.50
C VAL A 115 7.67 -11.67 5.10
N MET A 116 8.04 -11.79 3.82
CA MET A 116 9.26 -11.22 3.25
C MET A 116 9.43 -9.72 3.55
N LEU A 117 8.32 -9.00 3.51
CA LEU A 117 8.28 -7.60 3.83
C LEU A 117 8.94 -7.23 5.17
N ASN A 118 8.87 -8.15 6.14
CA ASN A 118 9.36 -7.94 7.49
C ASN A 118 10.60 -8.77 7.83
N MET A 119 11.39 -9.06 6.81
CA MET A 119 12.66 -9.80 6.92
C MET A 119 13.82 -8.94 6.50
N ASP A 120 15.01 -9.30 7.04
CA ASP A 120 16.27 -8.70 6.67
C ASP A 120 17.10 -9.72 5.94
N ALA A 121 18.10 -9.19 5.23
CA ALA A 121 19.17 -10.00 4.62
C ALA A 121 19.86 -10.85 5.71
N PRO A 122 20.26 -12.10 5.41
CA PRO A 122 20.17 -12.83 4.14
C PRO A 122 18.85 -13.52 3.86
N HIS A 123 17.99 -13.64 4.86
CA HIS A 123 16.71 -14.33 4.69
C HIS A 123 15.83 -13.69 3.66
N HIS A 124 15.73 -12.37 3.73
CA HIS A 124 14.98 -11.59 2.75
C HIS A 124 15.51 -11.85 1.31
N THR A 125 16.83 -11.82 1.17
CA THR A 125 17.49 -11.94 -0.10
C THR A 125 17.10 -13.23 -0.82
N ARG A 126 17.12 -14.34 -0.08
CA ARG A 126 16.72 -15.63 -0.62
C ARG A 126 15.25 -15.66 -1.07
N LEU A 127 14.35 -15.17 -0.22
CA LEU A 127 12.92 -15.20 -0.56
C LEU A 127 12.59 -14.29 -1.73
N ARG A 128 13.20 -13.11 -1.76
CA ARG A 128 12.92 -12.15 -2.83
C ARG A 128 13.42 -12.69 -4.16
N LYS A 129 14.60 -13.31 -4.16
CA LYS A 129 15.11 -13.98 -5.36
C LYS A 129 14.14 -15.05 -5.89
N ILE A 130 13.62 -15.89 -5.00
CA ILE A 130 12.65 -16.93 -5.40
C ILE A 130 11.36 -16.28 -5.89
N ILE A 131 10.81 -15.36 -5.11
CA ILE A 131 9.50 -14.77 -5.40
C ILE A 131 9.50 -13.85 -6.63
N SER A 132 10.68 -13.33 -6.99
CA SER A 132 10.84 -12.61 -8.25
C SER A 132 10.41 -13.44 -9.47
N ARG A 133 10.36 -14.78 -9.34
CA ARG A 133 9.86 -15.64 -10.44
C ARG A 133 8.40 -15.26 -10.82
N GLY A 134 7.64 -14.73 -9.85
CA GLY A 134 6.25 -14.37 -10.07
C GLY A 134 6.04 -12.98 -10.63
N PHE A 135 7.07 -12.14 -10.59
CA PHE A 135 6.96 -10.72 -11.00
C PHE A 135 7.84 -10.30 -12.18
N THR A 136 8.36 -11.30 -12.91
CA THR A 136 9.07 -11.00 -14.15
C THR A 136 8.10 -10.21 -15.04
N PRO A 137 8.63 -9.35 -15.94
CA PRO A 137 7.73 -8.70 -16.91
C PRO A 137 6.97 -9.69 -17.78
N ARG A 138 7.46 -10.90 -17.92
CA ARG A 138 6.71 -11.95 -18.61
C ARG A 138 5.52 -12.44 -17.81
N ALA A 139 5.72 -12.68 -16.51
CA ALA A 139 4.62 -13.15 -15.67
C ALA A 139 3.53 -12.06 -15.61
N VAL A 140 3.94 -10.80 -15.48
CA VAL A 140 3.00 -9.70 -15.31
C VAL A 140 2.32 -9.39 -16.66
N GLY A 141 3.13 -9.37 -17.72
CA GLY A 141 2.65 -9.05 -19.05
C GLY A 141 1.61 -10.02 -19.54
N ARG A 142 1.71 -11.28 -19.13
CA ARG A 142 0.74 -12.31 -19.52
C ARG A 142 -0.66 -12.08 -18.94
N LEU A 143 -0.76 -11.28 -17.86
CA LEU A 143 -2.04 -11.01 -17.25
C LEU A 143 -2.81 -9.91 -17.96
N HIS A 144 -2.15 -9.18 -18.85
CA HIS A 144 -2.68 -7.95 -19.43
C HIS A 144 -4.06 -8.13 -20.07
N ASP A 145 -4.20 -9.11 -20.97
CA ASP A 145 -5.45 -9.28 -21.72
C ASP A 145 -6.62 -9.68 -20.84
N GLU A 146 -6.43 -10.57 -19.87
CA GLU A 146 -7.54 -10.93 -18.97
C GLU A 146 -7.91 -9.74 -18.06
N LEU A 147 -6.92 -9.01 -17.58
CA LEU A 147 -7.22 -7.85 -16.75
C LEU A 147 -7.86 -6.70 -17.54
N GLN A 148 -7.49 -6.55 -18.81
CA GLN A 148 -8.11 -5.52 -19.69
C GLN A 148 -9.59 -5.81 -19.91
N GLU A 149 -9.87 -7.08 -20.16
CA GLU A 149 -11.22 -7.56 -20.38
C GLU A 149 -12.09 -7.32 -19.14
N ARG A 150 -11.53 -7.69 -17.98
CA ARG A 150 -12.21 -7.56 -16.70
C ARG A 150 -12.48 -6.09 -16.42
N ALA A 151 -11.49 -5.23 -16.67
CA ALA A 151 -11.59 -3.80 -16.39
C ALA A 151 -12.72 -3.18 -17.21
N GLN A 152 -12.77 -3.52 -18.50
CA GLN A 152 -13.86 -3.06 -19.40
C GLN A 152 -15.27 -3.47 -18.93
N LYS A 153 -15.39 -4.72 -18.52
CA LYS A 153 -16.64 -5.26 -17.98
C LYS A 153 -17.05 -4.64 -16.64
N ILE A 154 -16.09 -4.51 -15.72
CA ILE A 154 -16.34 -3.74 -14.48
C ILE A 154 -16.90 -2.35 -14.77
N ALA A 155 -16.22 -1.62 -15.66
CA ALA A 155 -16.62 -0.25 -15.97
C ALA A 155 -17.97 -0.20 -16.68
N ALA A 156 -18.20 -1.14 -17.59
CA ALA A 156 -19.51 -1.25 -18.27
C ALA A 156 -20.64 -1.53 -17.25
N GLU A 157 -20.43 -2.43 -16.30
CA GLU A 157 -21.47 -2.75 -15.31
C GLU A 157 -21.74 -1.63 -14.33
N ALA A 158 -20.72 -0.83 -14.02
CA ALA A 158 -20.89 0.35 -13.15
C ALA A 158 -21.73 1.40 -13.90
N ALA A 159 -21.38 1.61 -15.16
CA ALA A 159 -22.12 2.57 -15.97
C ALA A 159 -23.59 2.16 -16.02
N ALA A 160 -23.87 0.87 -16.27
CA ALA A 160 -25.25 0.31 -16.31
C ALA A 160 -26.03 0.48 -15.00
N ALA A 161 -25.34 0.38 -13.87
CA ALA A 161 -25.94 0.67 -12.55
C ALA A 161 -26.32 2.14 -12.35
N GLY A 162 -25.68 3.05 -13.10
CA GLY A 162 -26.01 4.48 -13.05
C GLY A 162 -25.38 5.27 -11.93
N SER A 163 -25.45 4.74 -10.71
CA SER A 163 -24.81 5.33 -9.54
C SER A 163 -24.53 4.25 -8.51
N GLY A 164 -23.71 4.58 -7.52
CA GLY A 164 -23.35 3.64 -6.50
C GLY A 164 -22.04 3.97 -5.81
N ASP A 165 -21.57 3.01 -5.02
CA ASP A 165 -20.32 3.10 -4.30
C ASP A 165 -19.13 2.75 -5.24
N PHE A 166 -18.37 3.79 -5.62
CA PHE A 166 -17.25 3.64 -6.56
C PHE A 166 -16.20 2.63 -6.07
N VAL A 167 -15.98 2.62 -4.76
CA VAL A 167 -15.01 1.69 -4.16
C VAL A 167 -15.40 0.23 -4.39
N GLU A 168 -16.65 -0.10 -4.10
CA GLU A 168 -17.16 -1.45 -4.29
C GLU A 168 -17.27 -1.79 -5.77
N GLN A 169 -17.82 -0.86 -6.54
CA GLN A 169 -18.19 -1.16 -7.93
C GLN A 169 -17.08 -0.97 -8.94
N VAL A 170 -16.10 -0.14 -8.62
CA VAL A 170 -15.04 0.12 -9.59
C VAL A 170 -13.64 -0.20 -9.04
N SER A 171 -13.35 0.15 -7.79
CA SER A 171 -11.97 0.05 -7.26
C SER A 171 -11.58 -1.33 -6.74
N CYS A 172 -12.54 -2.06 -6.18
CA CYS A 172 -12.21 -3.29 -5.44
CA CYS A 172 -12.25 -3.29 -5.44
C CYS A 172 -11.76 -4.47 -6.29
N GLU A 173 -12.50 -4.77 -7.34
CA GLU A 173 -12.32 -6.03 -8.02
C GLU A 173 -11.02 -6.23 -8.79
N LEU A 174 -10.53 -5.23 -9.55
CA LEU A 174 -9.38 -5.50 -10.42
C LEU A 174 -8.08 -5.88 -9.66
N PRO A 175 -7.76 -5.18 -8.55
CA PRO A 175 -6.58 -5.66 -7.78
C PRO A 175 -6.67 -7.12 -7.37
N LEU A 176 -7.87 -7.52 -6.94
CA LEU A 176 -8.12 -8.88 -6.48
C LEU A 176 -7.93 -9.87 -7.62
N GLN A 177 -8.46 -9.53 -8.80
CA GLN A 177 -8.35 -10.37 -10.01
C GLN A 177 -6.92 -10.44 -10.53
N ALA A 178 -6.14 -9.39 -10.29
CA ALA A 178 -4.72 -9.37 -10.63
C ALA A 178 -3.93 -10.40 -9.77
N ILE A 179 -4.28 -10.44 -8.48
CA ILE A 179 -3.71 -11.46 -7.60
C ILE A 179 -4.18 -12.88 -7.98
N ALA A 180 -5.50 -13.06 -8.15
CA ALA A 180 -6.05 -14.33 -8.58
C ALA A 180 -5.39 -14.87 -9.86
N GLY A 181 -5.11 -13.95 -10.78
CA GLY A 181 -4.59 -14.30 -12.12
C GLY A 181 -3.11 -14.62 -12.08
N LEU A 182 -2.34 -13.80 -11.38
CA LEU A 182 -0.94 -14.10 -11.10
C LEU A 182 -0.79 -15.50 -10.51
N LEU A 183 -1.65 -15.85 -9.56
CA LEU A 183 -1.56 -17.15 -8.86
C LEU A 183 -2.29 -18.30 -9.61
N GLY A 184 -3.09 -17.97 -10.62
CA GLY A 184 -3.83 -19.00 -11.37
C GLY A 184 -4.89 -19.67 -10.51
N VAL A 185 -5.57 -18.88 -9.69
CA VAL A 185 -6.57 -19.45 -8.81
C VAL A 185 -7.80 -19.82 -9.64
N PRO A 186 -8.31 -21.05 -9.45
CA PRO A 186 -9.53 -21.39 -10.18
C PRO A 186 -10.67 -20.41 -9.91
N GLN A 187 -11.42 -20.10 -10.95
CA GLN A 187 -12.53 -19.16 -10.89
C GLN A 187 -13.46 -19.42 -9.71
N GLU A 188 -13.73 -20.70 -9.47
CA GLU A 188 -14.69 -21.12 -8.47
C GLU A 188 -14.20 -20.83 -7.04
N ASP A 189 -12.88 -20.70 -6.88
CA ASP A 189 -12.26 -20.39 -5.59
C ASP A 189 -12.01 -18.88 -5.37
N ARG A 190 -12.32 -18.04 -6.35
CA ARG A 190 -11.97 -16.62 -6.27
C ARG A 190 -12.81 -15.87 -5.24
N GLY A 191 -14.09 -16.22 -5.14
CA GLY A 191 -14.92 -15.70 -4.07
C GLY A 191 -14.40 -15.89 -2.66
N LYS A 192 -13.99 -17.10 -2.30
CA LYS A 192 -13.44 -17.26 -0.96
C LYS A 192 -12.09 -16.56 -0.79
N LEU A 193 -11.27 -16.58 -1.84
CA LEU A 193 -9.94 -15.92 -1.82
C LEU A 193 -10.09 -14.42 -1.58
N PHE A 194 -11.05 -13.80 -2.26
CA PHE A 194 -11.29 -12.36 -2.14
C PHE A 194 -11.84 -11.99 -0.76
N HIS A 195 -12.70 -12.85 -0.23
CA HIS A 195 -13.22 -12.68 1.12
C HIS A 195 -12.08 -12.62 2.17
N TRP A 196 -11.21 -13.63 2.12
CA TRP A 196 -10.05 -13.65 3.02
C TRP A 196 -9.18 -12.43 2.88
N SER A 197 -8.88 -12.15 1.62
CA SER A 197 -7.98 -11.07 1.24
C SER A 197 -8.48 -9.72 1.78
N ASN A 198 -9.80 -9.53 1.75
CA ASN A 198 -10.42 -8.30 2.22
C ASN A 198 -10.51 -8.14 3.71
N GLU A 199 -10.24 -9.22 4.46
CA GLU A 199 -10.18 -9.17 5.95
C GLU A 199 -8.77 -9.31 6.51
N MET A 200 -7.74 -9.21 5.67
CA MET A 200 -6.37 -9.58 6.01
C MET A 200 -5.51 -8.45 6.56
N THR A 201 -5.79 -7.22 6.16
CA THR A 201 -5.02 -6.14 6.66
C THR A 201 -5.72 -5.60 7.89
N GLY A 202 -4.98 -5.40 8.96
CA GLY A 202 -5.57 -4.95 10.21
C GLY A 202 -6.00 -3.49 10.14
N ASN A 203 -7.15 -3.17 10.73
CA ASN A 203 -7.46 -1.78 11.00
C ASN A 203 -8.32 -1.71 12.26
N GLU A 204 -8.55 -0.49 12.74
CA GLU A 204 -9.36 -0.32 13.93
C GLU A 204 -10.69 0.39 13.63
N ASP A 205 -11.15 0.25 12.39
CA ASP A 205 -12.34 0.96 11.94
C ASP A 205 -13.57 0.31 12.52
N PRO A 206 -14.50 1.12 13.06
CA PRO A 206 -15.69 0.47 13.63
C PRO A 206 -16.56 -0.28 12.64
N GLU A 207 -16.50 0.04 11.36
CA GLU A 207 -17.25 -0.74 10.37
C GLU A 207 -16.73 -2.20 10.25
N TYR A 208 -15.48 -2.44 10.69
CA TYR A 208 -14.84 -3.76 10.52
C TYR A 208 -14.40 -4.41 11.86
N ALA A 209 -15.02 -3.96 12.95
CA ALA A 209 -14.67 -4.39 14.33
C ALA A 209 -14.90 -5.88 14.58
N HIS A 210 -15.73 -6.48 13.75
CA HIS A 210 -16.02 -7.91 13.74
C HIS A 210 -15.04 -8.75 12.91
N ILE A 211 -14.22 -8.12 12.09
CA ILE A 211 -13.21 -8.86 11.33
C ILE A 211 -11.98 -9.24 12.18
N ASP A 212 -11.43 -10.42 11.88
CA ASP A 212 -10.28 -10.96 12.57
C ASP A 212 -9.25 -11.44 11.55
N PRO A 213 -8.23 -10.62 11.27
CA PRO A 213 -7.19 -11.02 10.32
C PRO A 213 -6.49 -12.34 10.68
N LYS A 214 -6.49 -12.71 11.97
CA LYS A 214 -5.98 -14.03 12.45
C LYS A 214 -6.70 -15.25 11.88
N ALA A 215 -8.01 -15.27 12.03
CA ALA A 215 -8.85 -16.34 11.47
C ALA A 215 -8.71 -16.39 9.95
N SER A 216 -8.84 -15.23 9.28
CA SER A 216 -8.67 -15.15 7.85
C SER A 216 -7.31 -15.60 7.37
N SER A 217 -6.24 -15.20 8.07
CA SER A 217 -4.88 -15.58 7.65
C SER A 217 -4.68 -17.08 7.75
N ALA A 218 -5.15 -17.71 8.84
CA ALA A 218 -5.05 -19.18 9.00
C ALA A 218 -5.72 -19.92 7.87
N GLU A 219 -6.92 -19.46 7.53
CA GLU A 219 -7.70 -20.06 6.45
C GLU A 219 -7.06 -19.88 5.08
N LEU A 220 -6.49 -18.69 4.83
CA LEU A 220 -5.85 -18.42 3.54
C LEU A 220 -4.58 -19.27 3.41
N ILE A 221 -3.77 -19.34 4.47
CA ILE A 221 -2.52 -20.16 4.46
C ILE A 221 -2.92 -21.62 4.17
N GLY A 222 -3.98 -22.07 4.84
CA GLY A 222 -4.50 -23.43 4.62
C GLY A 222 -4.84 -23.67 3.18
N TYR A 223 -5.63 -22.76 2.60
CA TYR A 223 -5.93 -22.84 1.15
C TYR A 223 -4.68 -22.79 0.23
N ALA A 224 -3.73 -21.89 0.51
CA ALA A 224 -2.50 -21.80 -0.25
C ALA A 224 -1.68 -23.08 -0.19
N MET A 225 -1.50 -23.63 1.01
CA MET A 225 -0.68 -24.82 1.20
C MET A 225 -1.28 -26.02 0.48
N LYS A 226 -2.60 -26.19 0.55
CA LYS A 226 -3.29 -27.22 -0.26
C LYS A 226 -3.07 -27.01 -1.76
N MET A 227 -3.08 -25.76 -2.21
CA MET A 227 -2.80 -25.44 -3.62
C MET A 227 -1.36 -25.84 -4.00
N ALA A 228 -0.39 -25.49 -3.17
CA ALA A 228 0.98 -25.91 -3.34
C ALA A 228 1.10 -27.45 -3.37
N GLU A 229 0.41 -28.14 -2.46
CA GLU A 229 0.45 -29.61 -2.46
C GLU A 229 -0.06 -30.18 -3.81
N GLU A 230 -1.18 -29.65 -4.29
CA GLU A 230 -1.82 -30.15 -5.51
C GLU A 230 -1.05 -29.82 -6.84
N LYS A 231 -0.16 -28.81 -6.80
CA LYS A 231 0.75 -28.49 -7.93
C LYS A 231 2.05 -29.31 -7.90
N ILE A 239 2.52 -19.79 -12.10
CA ILE A 239 3.57 -19.27 -11.24
C ILE A 239 3.75 -20.06 -9.92
N VAL A 240 2.64 -20.54 -9.36
CA VAL A 240 2.69 -21.45 -8.22
C VAL A 240 3.69 -22.59 -8.49
N THR A 241 3.60 -23.23 -9.65
CA THR A 241 4.61 -24.22 -10.05
C THR A 241 6.07 -23.81 -10.02
N GLN A 242 6.35 -22.66 -10.64
CA GLN A 242 7.67 -22.10 -10.62
C GLN A 242 8.15 -21.76 -9.20
N LEU A 243 7.23 -21.40 -8.27
CA LEU A 243 7.63 -20.98 -6.91
C LEU A 243 7.97 -22.23 -6.09
N ILE A 244 7.19 -23.28 -6.29
CA ILE A 244 7.36 -24.47 -5.49
C ILE A 244 8.21 -25.56 -6.13
N GLN A 245 8.51 -25.42 -7.41
CA GLN A 245 9.51 -26.31 -8.00
C GLN A 245 10.96 -25.82 -7.79
N ALA A 246 11.80 -26.77 -7.44
CA ALA A 246 13.22 -26.50 -7.18
C ALA A 246 13.93 -26.19 -8.48
N ASP A 247 14.92 -25.32 -8.38
CA ASP A 247 15.62 -24.71 -9.49
C ASP A 247 17.06 -25.28 -9.61
N GLY A 250 18.75 -25.88 -5.89
CA GLY A 250 17.45 -26.44 -5.45
C GLY A 250 16.59 -25.50 -4.61
N GLU A 251 16.68 -24.19 -4.87
CA GLU A 251 15.88 -23.18 -4.18
C GLU A 251 14.41 -23.25 -4.63
N LYS A 252 13.53 -23.24 -3.65
CA LYS A 252 12.11 -23.11 -3.89
C LYS A 252 11.52 -22.67 -2.58
N LEU A 253 10.28 -22.21 -2.64
CA LEU A 253 9.52 -21.94 -1.42
C LEU A 253 9.07 -23.28 -0.87
N SER A 254 9.17 -23.47 0.46
CA SER A 254 8.40 -24.55 1.11
C SER A 254 6.90 -24.24 1.00
N ASP A 255 6.07 -25.23 1.29
CA ASP A 255 4.62 -25.04 1.21
C ASP A 255 4.18 -23.95 2.17
N ASP A 256 4.76 -23.92 3.38
CA ASP A 256 4.38 -22.87 4.33
CA ASP A 256 4.48 -22.88 4.38
C ASP A 256 4.85 -21.47 3.85
N GLU A 257 6.05 -21.36 3.29
CA GLU A 257 6.52 -20.11 2.69
C GLU A 257 5.61 -19.63 1.56
N PHE A 258 5.08 -20.56 0.76
CA PHE A 258 4.10 -20.21 -0.25
C PHE A 258 2.82 -19.66 0.40
N GLY A 259 2.36 -20.28 1.49
CA GLY A 259 1.24 -19.73 2.25
C GLY A 259 1.52 -18.32 2.72
N PHE A 260 2.72 -18.09 3.23
CA PHE A 260 3.08 -16.75 3.73
C PHE A 260 3.18 -15.73 2.61
N PHE A 261 3.65 -16.19 1.46
CA PHE A 261 3.69 -15.39 0.25
C PHE A 261 2.28 -14.94 -0.16
N VAL A 262 1.35 -15.88 -0.17
CA VAL A 262 -0.04 -15.54 -0.54
C VAL A 262 -0.67 -14.52 0.46
N VAL A 263 -0.42 -14.68 1.76
CA VAL A 263 -0.86 -13.70 2.78
C VAL A 263 -0.26 -12.31 2.49
N MET A 264 1.05 -12.30 2.24
CA MET A 264 1.74 -11.06 1.91
CA MET A 264 1.79 -11.11 1.84
C MET A 264 1.08 -10.39 0.69
N LEU A 265 0.77 -11.14 -0.38
CA LEU A 265 0.08 -10.55 -1.56
C LEU A 265 -1.22 -9.89 -1.14
N ALA A 266 -1.99 -10.57 -0.29
CA ALA A 266 -3.25 -10.01 0.24
C ALA A 266 -3.09 -8.74 1.04
N VAL A 267 -1.98 -8.56 1.75
CA VAL A 267 -1.79 -7.32 2.50
C VAL A 267 -1.13 -6.22 1.64
N ALA A 268 -0.33 -6.63 0.66
CA ALA A 268 0.53 -5.71 -0.09
C ALA A 268 -0.13 -5.17 -1.35
N GLY A 269 -0.94 -5.99 -1.99
CA GLY A 269 -1.36 -5.73 -3.37
C GLY A 269 -2.86 -5.58 -3.59
N ASN A 270 -3.62 -5.49 -2.50
CA ASN A 270 -5.08 -5.44 -2.57
C ASN A 270 -5.58 -4.01 -2.28
N GLU A 271 -5.73 -3.65 -1.02
CA GLU A 271 -6.25 -2.33 -0.68
CA GLU A 271 -6.23 -2.32 -0.65
C GLU A 271 -5.32 -1.20 -1.12
N THR A 272 -4.04 -1.54 -1.34
CA THR A 272 -3.09 -0.54 -1.85
C THR A 272 -3.54 -0.03 -3.22
N THR A 273 -3.66 -0.95 -4.15
CA THR A 273 -4.02 -0.58 -5.51
C THR A 273 -5.45 -0.03 -5.51
N ARG A 274 -6.33 -0.65 -4.74
CA ARG A 274 -7.72 -0.16 -4.63
C ARG A 274 -7.77 1.31 -4.27
N ASN A 275 -6.99 1.69 -3.26
CA ASN A 275 -7.00 3.09 -2.78
C ASN A 275 -6.35 4.07 -3.75
N SER A 276 -5.38 3.59 -4.54
CA SER A 276 -4.86 4.35 -5.65
C SER A 276 -5.95 4.67 -6.69
N ILE A 277 -6.85 3.71 -6.94
CA ILE A 277 -7.91 3.90 -7.92
C ILE A 277 -8.95 4.89 -7.37
N THR A 278 -9.39 4.69 -6.14
CA THR A 278 -10.37 5.62 -5.58
C THR A 278 -9.83 7.03 -5.48
N GLN A 279 -8.65 7.17 -4.90
CA GLN A 279 -8.09 8.50 -4.73
C GLN A 279 -7.61 9.18 -6.02
N GLY A 280 -7.24 8.37 -7.00
CA GLY A 280 -7.01 8.89 -8.33
C GLY A 280 -8.26 9.47 -8.96
N MET A 281 -9.39 8.79 -8.81
CA MET A 281 -10.65 9.31 -9.33
C MET A 281 -11.16 10.51 -8.55
N MET A 282 -10.92 10.55 -7.23
CA MET A 282 -11.17 11.78 -6.44
C MET A 282 -10.37 12.99 -6.93
N ALA A 283 -9.10 12.76 -7.28
CA ALA A 283 -8.24 13.81 -7.83
C ALA A 283 -8.75 14.29 -9.20
N PHE A 284 -9.17 13.38 -10.08
CA PHE A 284 -9.83 13.76 -11.35
C PHE A 284 -11.11 14.60 -11.14
N ALA A 285 -11.95 14.21 -10.19
CA ALA A 285 -13.19 14.98 -9.84
C ALA A 285 -12.85 16.36 -9.32
N GLU A 286 -11.80 16.48 -8.55
CA GLU A 286 -11.36 17.79 -8.04
C GLU A 286 -10.53 18.58 -9.06
N HIS A 287 -9.97 17.92 -10.08
CA HIS A 287 -9.17 18.59 -11.10
C HIS A 287 -9.73 18.23 -12.49
N PRO A 288 -10.88 18.84 -12.88
CA PRO A 288 -11.55 18.43 -14.11
C PRO A 288 -10.70 18.61 -15.38
N ASP A 289 -9.81 19.60 -15.43
CA ASP A 289 -8.95 19.78 -16.62
C ASP A 289 -7.99 18.58 -16.80
N GLN A 290 -7.58 17.97 -15.68
CA GLN A 290 -6.75 16.77 -15.74
C GLN A 290 -7.54 15.58 -16.26
N TRP A 291 -8.81 15.49 -15.88
CA TRP A 291 -9.66 14.38 -16.35
C TRP A 291 -9.91 14.53 -17.84
N GLU A 292 -10.23 15.74 -18.31
CA GLU A 292 -10.35 16.01 -19.75
C GLU A 292 -9.13 15.62 -20.54
N LEU A 293 -7.96 16.03 -20.06
CA LEU A 293 -6.69 15.66 -20.66
C LEU A 293 -6.42 14.14 -20.65
N TYR A 294 -6.66 13.50 -19.50
CA TYR A 294 -6.53 12.06 -19.38
C TYR A 294 -7.40 11.36 -20.43
N LYS A 295 -8.68 11.73 -20.51
CA LYS A 295 -9.58 11.06 -21.41
C LYS A 295 -9.13 11.14 -22.88
N LYS A 296 -8.46 12.21 -23.26
CA LYS A 296 -7.95 12.38 -24.61
C LYS A 296 -6.75 11.48 -24.86
N VAL A 297 -5.71 11.61 -24.02
CA VAL A 297 -4.42 11.01 -24.37
C VAL A 297 -3.92 9.83 -23.52
N ARG A 298 -4.60 9.54 -22.40
CA ARG A 298 -4.24 8.42 -21.55
C ARG A 298 -2.72 8.37 -21.35
N PRO A 299 -2.13 9.46 -20.83
CA PRO A 299 -0.68 9.51 -20.85
C PRO A 299 0.00 8.51 -19.93
N GLU A 300 1.21 8.16 -20.37
CA GLU A 300 2.15 7.28 -19.71
C GLU A 300 2.51 7.72 -18.28
N THR A 301 2.42 9.01 -18.04
CA THR A 301 2.81 9.60 -16.77
C THR A 301 1.69 9.59 -15.70
N ALA A 302 0.46 9.24 -16.11
CA ALA A 302 -0.71 9.29 -15.23
C ALA A 302 -0.60 8.35 -14.01
N ALA A 303 -0.26 7.08 -14.24
CA ALA A 303 -0.24 6.08 -13.17
C ALA A 303 0.67 6.51 -12.01
N ASP A 304 1.86 7.04 -12.29
CA ASP A 304 2.76 7.49 -11.19
C ASP A 304 2.27 8.72 -10.48
N GLU A 305 1.60 9.63 -11.20
CA GLU A 305 1.00 10.79 -10.50
C GLU A 305 -0.15 10.36 -9.61
N ILE A 306 -0.94 9.41 -10.09
CA ILE A 306 -2.00 8.76 -9.27
C ILE A 306 -1.44 8.13 -8.00
N VAL A 307 -0.33 7.39 -8.12
CA VAL A 307 0.28 6.77 -6.97
C VAL A 307 0.88 7.84 -6.03
N ARG A 308 1.58 8.85 -6.56
CA ARG A 308 2.08 9.92 -5.71
C ARG A 308 0.93 10.62 -5.00
N TRP A 309 -0.10 11.01 -5.73
CA TRP A 309 -1.25 11.69 -5.10
C TRP A 309 -1.97 10.85 -4.02
N ALA A 310 -2.23 9.59 -4.37
CA ALA A 310 -2.99 8.66 -3.52
C ALA A 310 -2.19 8.22 -2.29
N THR A 311 -0.86 8.10 -2.44
CA THR A 311 0.06 7.52 -1.44
C THR A 311 -0.67 6.50 -0.55
N PRO A 312 -1.07 5.35 -1.15
CA PRO A 312 -1.90 4.37 -0.46
C PRO A 312 -1.32 3.92 0.90
N VAL A 313 0.02 3.74 0.95
CA VAL A 313 0.75 3.52 2.17
C VAL A 313 1.27 4.84 2.70
N THR A 314 0.62 5.33 3.74
CA THR A 314 1.00 6.58 4.35
C THR A 314 2.43 6.57 4.91
N ALA A 315 2.78 5.45 5.56
CA ALA A 315 4.04 5.30 6.26
C ALA A 315 4.39 3.83 6.50
N PHE A 316 5.69 3.53 6.37
CA PHE A 316 6.29 2.29 6.89
C PHE A 316 7.48 2.71 7.73
N GLN A 317 7.85 1.85 8.68
CA GLN A 317 8.97 2.14 9.58
C GLN A 317 10.18 1.23 9.35
N ARG A 318 11.26 1.58 10.04
CA ARG A 318 12.46 0.78 10.19
C ARG A 318 12.94 0.96 11.64
N THR A 319 13.82 0.07 12.06
CA THR A 319 14.55 0.18 13.35
C THR A 319 16.06 0.26 13.10
N ALA A 320 16.70 1.27 13.69
CA ALA A 320 18.14 1.44 13.63
C ALA A 320 18.86 0.23 14.30
N LEU A 321 19.75 -0.42 13.55
CA LEU A 321 20.59 -1.47 14.09
C LEU A 321 21.87 -0.91 14.75
N ARG A 322 22.17 0.35 14.48
CA ARG A 322 23.26 1.04 15.14
C ARG A 322 22.97 2.52 15.08
N ASP A 323 23.73 3.32 15.84
CA ASP A 323 23.68 4.77 15.76
C ASP A 323 23.96 5.17 14.30
N TYR A 324 23.21 6.17 13.83
CA TYR A 324 23.32 6.66 12.48
C TYR A 324 23.00 8.16 12.45
N GLU A 325 23.86 8.95 11.81
CA GLU A 325 23.57 10.39 11.64
C GLU A 325 22.80 10.64 10.32
N LEU A 326 21.57 11.14 10.44
CA LEU A 326 20.70 11.39 9.31
C LEU A 326 20.32 12.86 9.32
N SER A 327 20.79 13.58 8.30
CA SER A 327 20.57 15.01 8.15
C SER A 327 20.74 15.75 9.47
N GLY A 328 21.85 15.44 10.14
CA GLY A 328 22.18 16.12 11.38
C GLY A 328 21.49 15.63 12.62
N VAL A 329 20.64 14.61 12.51
CA VAL A 329 19.96 14.11 13.69
C VAL A 329 20.68 12.82 14.05
N GLN A 330 20.94 12.67 15.35
CA GLN A 330 21.66 11.49 15.85
C GLN A 330 20.66 10.40 16.25
N ILE A 331 20.38 9.54 15.29
CA ILE A 331 19.48 8.41 15.50
C ILE A 331 20.25 7.36 16.26
N LYS A 332 19.61 6.80 17.29
CA LYS A 332 20.27 5.82 18.16
C LYS A 332 19.84 4.38 17.93
N LYS A 333 20.79 3.48 18.08
CA LYS A 333 20.56 2.05 18.02
C LYS A 333 19.23 1.63 18.68
N GLY A 334 18.41 0.87 17.95
CA GLY A 334 17.12 0.39 18.51
C GLY A 334 15.92 1.31 18.36
N GLN A 335 16.15 2.54 17.95
CA GLN A 335 15.06 3.50 17.77
C GLN A 335 14.37 3.30 16.42
N ARG A 336 13.06 3.57 16.43
CA ARG A 336 12.24 3.51 15.22
C ARG A 336 12.27 4.81 14.46
N VAL A 337 12.23 4.71 13.14
CA VAL A 337 12.11 5.84 12.23
C VAL A 337 10.90 5.51 11.35
N VAL A 338 9.99 6.47 11.22
CA VAL A 338 8.77 6.25 10.39
C VAL A 338 8.90 7.11 9.15
N MET A 339 8.96 6.43 8.01
CA MET A 339 9.04 7.08 6.71
C MET A 339 7.65 7.51 6.28
N PHE A 340 7.35 8.81 6.41
CA PHE A 340 6.05 9.27 5.98
C PHE A 340 6.08 9.52 4.48
N TYR A 341 5.76 8.49 3.71
CA TYR A 341 5.62 8.65 2.27
C TYR A 341 4.62 9.79 1.92
N ARG A 342 3.59 9.99 2.76
CA ARG A 342 2.58 11.05 2.49
C ARG A 342 3.21 12.45 2.58
N SER A 343 4.23 12.62 3.45
CA SER A 343 4.98 13.90 3.48
C SER A 343 5.93 13.98 2.29
N ALA A 344 6.72 12.93 2.12
CA ALA A 344 7.85 12.90 1.18
C ALA A 344 7.36 13.14 -0.25
N ASN A 345 6.18 12.63 -0.58
CA ASN A 345 5.62 12.75 -1.91
C ASN A 345 5.12 14.15 -2.22
N PHE A 346 5.14 15.03 -1.22
CA PHE A 346 4.76 16.41 -1.38
C PHE A 346 5.85 17.37 -0.93
N ASP A 347 7.11 16.90 -1.04
CA ASP A 347 8.30 17.63 -0.59
C ASP A 347 8.52 18.77 -1.59
N GLU A 348 8.34 20.01 -1.11
CA GLU A 348 8.38 21.21 -1.96
C GLU A 348 9.76 21.46 -2.60
N GLU A 349 10.82 20.86 -2.05
CA GLU A 349 12.15 20.99 -2.61
C GLU A 349 12.38 20.06 -3.80
N VAL A 350 11.52 19.06 -3.98
CA VAL A 350 11.70 18.04 -5.03
C VAL A 350 10.63 18.14 -6.13
N PHE A 351 9.41 18.49 -5.75
CA PHE A 351 8.27 18.43 -6.68
C PHE A 351 7.79 19.85 -6.93
N GLN A 352 7.80 20.28 -8.19
CA GLN A 352 7.25 21.58 -8.53
C GLN A 352 5.76 21.54 -8.30
N ASP A 353 5.25 22.50 -7.53
CA ASP A 353 3.81 22.59 -7.29
C ASP A 353 3.27 21.23 -6.83
N PRO A 354 3.75 20.76 -5.66
CA PRO A 354 3.40 19.39 -5.28
C PRO A 354 1.94 19.21 -4.93
N PHE A 355 1.25 20.29 -4.54
CA PHE A 355 -0.17 20.22 -4.26
C PHE A 355 -1.06 20.41 -5.51
N THR A 356 -0.45 20.40 -6.70
CA THR A 356 -1.14 20.37 -8.00
C THR A 356 -1.10 18.94 -8.52
N PHE A 357 -2.27 18.37 -8.79
CA PHE A 357 -2.40 17.10 -9.49
C PHE A 357 -2.12 17.31 -11.00
N ASN A 358 -0.99 16.76 -11.44
CA ASN A 358 -0.47 16.89 -12.81
C ASN A 358 -0.20 15.51 -13.46
N ILE A 359 -1.13 15.04 -14.29
CA ILE A 359 -1.00 13.70 -14.87
C ILE A 359 0.16 13.57 -15.88
N LEU A 360 0.82 14.69 -16.18
CA LEU A 360 1.97 14.69 -17.05
C LEU A 360 3.23 14.93 -16.22
N ARG A 361 3.13 14.71 -14.90
CA ARG A 361 4.22 15.05 -14.00
C ARG A 361 5.51 14.39 -14.41
N ASN A 362 6.51 15.27 -14.54
CA ASN A 362 7.83 14.88 -14.94
C ASN A 362 8.82 15.97 -14.50
N PRO A 363 9.91 15.58 -13.82
CA PRO A 363 10.16 14.19 -13.40
C PRO A 363 9.20 13.85 -12.26
N ASN A 364 9.08 12.57 -11.93
CA ASN A 364 8.26 12.15 -10.78
C ASN A 364 8.93 11.12 -9.83
N PRO A 365 9.89 11.58 -9.01
CA PRO A 365 10.67 10.63 -8.18
C PRO A 365 9.98 10.26 -6.85
N HIS A 366 8.72 9.88 -6.94
CA HIS A 366 7.91 9.67 -5.77
C HIS A 366 8.31 8.35 -5.05
N VAL A 367 7.94 8.27 -3.78
CA VAL A 367 8.15 7.07 -2.95
C VAL A 367 6.84 6.31 -2.57
N GLY A 368 5.80 6.42 -3.40
CA GLY A 368 4.58 5.68 -3.22
C GLY A 368 4.82 4.18 -3.14
N PHE A 369 5.80 3.69 -3.92
CA PHE A 369 6.16 2.26 -3.94
C PHE A 369 7.37 1.98 -3.03
N GLY A 370 7.65 2.96 -2.18
CA GLY A 370 8.84 2.99 -1.34
C GLY A 370 10.04 3.68 -1.98
N GLY A 371 11.08 3.83 -1.18
CA GLY A 371 12.40 4.24 -1.68
C GLY A 371 13.08 3.06 -2.38
N THR A 372 13.89 3.34 -3.38
CA THR A 372 14.67 2.28 -4.01
C THR A 372 15.55 1.60 -2.95
N GLY A 373 15.67 0.29 -3.05
CA GLY A 373 16.37 -0.47 -2.05
C GLY A 373 15.86 -1.87 -2.03
N ALA A 374 16.31 -2.64 -1.06
CA ALA A 374 16.02 -4.09 -1.03
C ALA A 374 14.52 -4.44 -1.07
N HIS A 375 13.70 -3.60 -0.44
CA HIS A 375 12.29 -3.88 -0.26
C HIS A 375 11.32 -3.15 -1.22
N TYR A 376 11.88 -2.39 -2.15
CA TYR A 376 11.09 -1.64 -3.14
C TYR A 376 9.99 -2.51 -3.74
N CYS A 377 8.77 -1.97 -3.76
CA CYS A 377 7.58 -2.76 -4.15
C CYS A 377 7.81 -3.65 -5.36
N ILE A 378 7.76 -4.98 -5.14
CA ILE A 378 7.99 -5.95 -6.24
C ILE A 378 6.79 -5.97 -7.23
N GLY A 379 5.65 -5.44 -6.79
CA GLY A 379 4.41 -5.42 -7.59
C GLY A 379 4.12 -4.11 -8.29
N ALA A 380 5.11 -3.20 -8.33
CA ALA A 380 4.88 -1.85 -8.86
C ALA A 380 4.39 -1.83 -10.32
N ASN A 381 5.01 -2.63 -11.19
CA ASN A 381 4.56 -2.69 -12.57
C ASN A 381 3.18 -3.33 -12.71
N LEU A 382 2.87 -4.30 -11.86
CA LEU A 382 1.54 -4.91 -11.82
C LEU A 382 0.47 -3.89 -11.35
N ALA A 383 0.83 -3.09 -10.34
CA ALA A 383 -0.02 -2.03 -9.84
C ALA A 383 -0.26 -0.99 -10.92
N ARG A 384 0.81 -0.48 -11.55
CA ARG A 384 0.65 0.45 -12.71
C ARG A 384 -0.24 -0.08 -13.84
N MET A 385 -0.08 -1.35 -14.20
CA MET A 385 -0.91 -1.97 -15.21
C MET A 385 -2.36 -1.95 -14.80
N THR A 386 -2.64 -2.38 -13.57
CA THR A 386 -4.00 -2.42 -12.98
C THR A 386 -4.67 -1.05 -13.01
N ILE A 387 -3.90 0.00 -12.64
CA ILE A 387 -4.36 1.39 -12.61
C ILE A 387 -4.72 1.88 -14.02
N ASN A 388 -3.79 1.68 -14.96
CA ASN A 388 -3.98 2.10 -16.34
C ASN A 388 -5.18 1.45 -16.97
N LEU A 389 -5.32 0.15 -16.75
CA LEU A 389 -6.43 -0.58 -17.32
C LEU A 389 -7.78 -0.09 -16.79
N ILE A 390 -7.89 0.08 -15.48
CA ILE A 390 -9.16 0.50 -14.89
C ILE A 390 -9.48 1.94 -15.28
N PHE A 391 -8.46 2.81 -15.30
CA PHE A 391 -8.72 4.20 -15.70
C PHE A 391 -9.05 4.36 -17.20
N ASN A 392 -8.43 3.54 -18.06
CA ASN A 392 -8.86 3.50 -19.46
C ASN A 392 -10.33 3.11 -19.56
N ALA A 393 -10.73 2.08 -18.82
CA ALA A 393 -12.10 1.58 -18.86
C ALA A 393 -13.09 2.61 -18.29
N VAL A 394 -12.71 3.30 -17.21
CA VAL A 394 -13.51 4.38 -16.68
C VAL A 394 -13.68 5.53 -17.69
N ALA A 395 -12.60 5.95 -18.35
CA ALA A 395 -12.67 6.99 -19.38
C ALA A 395 -13.58 6.54 -20.52
N ASP A 396 -13.50 5.25 -20.87
CA ASP A 396 -14.29 4.67 -21.97
C ASP A 396 -15.76 4.60 -21.64
N HIS A 397 -16.07 4.10 -20.44
CA HIS A 397 -17.47 3.80 -20.12
C HIS A 397 -18.19 4.84 -19.29
N MET A 398 -17.47 5.70 -18.58
CA MET A 398 -18.11 6.67 -17.68
C MET A 398 -17.39 8.02 -17.71
N PRO A 399 -17.30 8.63 -18.91
CA PRO A 399 -16.52 9.86 -19.03
C PRO A 399 -17.05 11.04 -18.23
N ASP A 400 -18.32 11.01 -17.84
CA ASP A 400 -18.96 12.15 -17.17
C ASP A 400 -19.25 11.87 -15.70
N LEU A 401 -18.58 10.89 -15.10
CA LEU A 401 -18.88 10.56 -13.69
C LEU A 401 -18.65 11.77 -12.77
N LYS A 402 -19.53 11.93 -11.78
CA LYS A 402 -19.42 12.96 -10.76
C LYS A 402 -19.78 12.39 -9.40
N PRO A 403 -19.14 12.91 -8.32
CA PRO A 403 -19.45 12.50 -6.97
C PRO A 403 -20.85 12.94 -6.53
N ILE A 404 -21.46 12.16 -5.64
CA ILE A 404 -22.71 12.47 -4.99
C ILE A 404 -22.44 13.02 -3.58
N SER A 405 -21.53 12.38 -2.83
CA SER A 405 -21.24 12.77 -1.46
C SER A 405 -19.77 12.48 -1.13
N ALA A 406 -19.36 12.79 0.11
CA ALA A 406 -17.96 12.79 0.50
C ALA A 406 -17.41 11.38 0.68
N PRO A 407 -16.12 11.19 0.34
CA PRO A 407 -15.53 9.85 0.63
C PRO A 407 -15.56 9.55 2.12
N GLU A 408 -15.68 8.27 2.46
CA GLU A 408 -15.63 7.82 3.83
C GLU A 408 -14.26 7.21 4.05
N ARG A 409 -13.50 7.80 4.98
CA ARG A 409 -12.06 7.42 5.17
C ARG A 409 -11.95 6.25 6.16
N LEU A 410 -10.95 5.40 5.95
CA LEU A 410 -10.66 4.27 6.82
C LEU A 410 -9.90 4.71 8.07
N ARG A 411 -10.30 4.17 9.22
CA ARG A 411 -9.56 4.36 10.47
C ARG A 411 -8.34 3.42 10.51
N SER A 412 -7.21 3.92 10.03
CA SER A 412 -5.92 3.23 10.06
C SER A 412 -4.82 4.27 10.23
N GLY A 413 -3.77 3.93 10.97
CA GLY A 413 -2.63 4.84 11.18
C GLY A 413 -1.47 4.68 10.21
N TRP A 414 -1.64 3.81 9.22
CA TRP A 414 -0.64 3.59 8.20
C TRP A 414 -1.18 3.42 6.81
N LEU A 415 -2.38 2.87 6.67
CA LEU A 415 -3.03 2.78 5.35
C LEU A 415 -3.89 4.00 5.12
N ASN A 416 -3.75 4.62 3.93
CA ASN A 416 -4.61 5.74 3.53
C ASN A 416 -5.80 5.19 2.70
N GLY A 417 -6.91 4.91 3.37
CA GLY A 417 -8.00 4.15 2.78
C GLY A 417 -9.29 4.94 2.68
N ILE A 418 -10.04 4.65 1.61
CA ILE A 418 -11.41 5.12 1.39
C ILE A 418 -12.28 3.86 1.38
N LYS A 419 -13.20 3.80 2.33
CA LYS A 419 -14.10 2.68 2.47
C LYS A 419 -15.22 2.72 1.43
N HIS A 420 -15.77 3.90 1.20
CA HIS A 420 -16.94 4.09 0.33
C HIS A 420 -16.88 5.44 -0.28
N TRP A 421 -17.51 5.58 -1.45
CA TRP A 421 -17.61 6.89 -2.11
C TRP A 421 -18.73 6.87 -3.12
N GLN A 422 -19.80 7.60 -2.84
CA GLN A 422 -21.00 7.52 -3.66
C GLN A 422 -20.82 8.44 -4.85
N VAL A 423 -21.01 7.88 -6.03
CA VAL A 423 -20.83 8.63 -7.27
C VAL A 423 -21.95 8.36 -8.29
N ASP A 424 -22.18 9.36 -9.13
CA ASP A 424 -23.14 9.29 -10.24
C ASP A 424 -22.34 8.97 -11.48
N TYR A 425 -22.47 7.74 -11.99
CA TYR A 425 -21.62 7.25 -13.05
C TYR A 425 -21.95 7.89 -14.37
N THR A 426 -23.21 8.33 -14.49
CA THR A 426 -23.66 8.96 -15.71
C THR A 426 -23.42 10.45 -15.61
#